data_3L1K
#
_entry.id   3L1K
#
_cell.length_a   67.902
_cell.length_b   67.902
_cell.length_c   102.181
_cell.angle_alpha   90.00
_cell.angle_beta   90.00
_cell.angle_gamma   90.00
#
_symmetry.space_group_name_H-M   'P 43 21 2'
#
loop_
_entity.id
_entity.type
_entity.pdbx_description
1 polymer 'Proteinase K'
2 non-polymer 'CALCIUM ION'
3 non-polymer 'Orthotelluric acid'
4 non-polymer 'SULFATE ION'
5 non-polymer 1,2-ETHANEDIOL
6 water water
#
_entity_poly.entity_id   1
_entity_poly.type   'polypeptide(L)'
_entity_poly.pdbx_seq_one_letter_code
;AAQTNAPWGLARISSTSPGTSTYYYDESAGQGSCVYVIDTGIEASHPEFEGRAQMVKTYYYSSRDGNGHGTHCAGTVGSR
TYGVAKKTQLFGVKVLDDNGSGQYSTIIAGMDFVASDKNNRNCPKGVVASLSLGGGYSSSVNSAAARLQSSGVMVAVAAG
NNNADARNYSPASEPSVCTVGASDRYDRRSSFSNYGSVLDIFGPGTDILSTWIGGSTRSISGTSMATPHVAGLAAYLMTL
GKTTAASACRYIADTANKGDLSNIPFGTVNLLAYNNYQA
;
_entity_poly.pdbx_strand_id   A
#
loop_
_chem_comp.id
_chem_comp.type
_chem_comp.name
_chem_comp.formula
CA non-polymer 'CALCIUM ION' 'Ca 2'
EDO non-polymer 1,2-ETHANEDIOL 'C2 H6 O2'
SO4 non-polymer 'SULFATE ION' 'O4 S -2'
TE6 non-polymer 'Orthotelluric acid' 'H6 O6 Te'
#
# COMPACT_ATOMS: atom_id res chain seq x y z
N ALA A 1 -2.63 1.42 21.45
CA ALA A 1 -1.28 0.78 21.48
C ALA A 1 -0.21 1.75 21.02
N ALA A 2 0.98 1.62 21.59
CA ALA A 2 2.11 2.47 21.24
C ALA A 2 3.31 1.59 20.89
N GLN A 3 3.88 1.83 19.72
CA GLN A 3 5.13 1.20 19.34
C GLN A 3 6.25 2.22 19.41
N THR A 4 7.14 2.09 20.38
CA THR A 4 8.25 3.05 20.46
C THR A 4 9.32 2.82 19.40
N ASN A 5 10.03 3.90 19.08
CA ASN A 5 11.10 3.87 18.08
C ASN A 5 10.64 3.19 16.80
N ALA A 6 9.46 3.61 16.35
CA ALA A 6 8.86 3.10 15.12
C ALA A 6 9.54 3.75 13.91
N PRO A 7 9.46 3.08 12.75
CA PRO A 7 9.90 3.77 11.54
C PRO A 7 9.16 5.11 11.39
N TRP A 8 9.84 6.12 10.85
CA TRP A 8 9.25 7.46 10.83
C TRP A 8 7.87 7.49 10.17
N GLY A 9 7.68 6.67 9.13
CA GLY A 9 6.43 6.67 8.38
C GLY A 9 5.25 6.18 9.21
N LEU A 10 5.47 5.16 10.03
CA LEU A 10 4.42 4.71 10.94
C LEU A 10 4.08 5.81 11.95
N ALA A 11 5.11 6.41 12.55
CA ALA A 11 4.85 7.51 13.48
C ALA A 11 4.11 8.64 12.77
N ARG A 12 4.46 8.91 11.51
CA ARG A 12 3.83 10.00 10.79
C ARG A 12 2.34 9.77 10.58
N ILE A 13 1.98 8.55 10.27
CA ILE A 13 0.63 8.21 9.94
C ILE A 13 -0.33 8.32 11.15
N SER A 14 0.23 8.30 12.37
CA SER A 14 -0.60 8.49 13.56
C SER A 14 -0.36 9.83 14.25
N SER A 15 0.22 10.78 13.53
CA SER A 15 0.56 12.06 14.12
C SER A 15 0.00 13.25 13.35
N THR A 16 -0.36 14.29 14.10
CA THR A 16 -0.70 15.58 13.50
C THR A 16 0.54 16.44 13.24
N SER A 17 1.72 15.92 13.60
CA SER A 17 2.98 16.65 13.38
C SER A 17 4.08 15.74 12.89
N PRO A 18 4.98 16.26 12.03
CA PRO A 18 6.19 15.51 11.73
C PRO A 18 7.14 15.51 12.93
N GLY A 19 8.14 14.65 12.89
CA GLY A 19 9.23 14.73 13.88
C GLY A 19 9.03 13.91 15.13
N THR A 20 8.11 12.96 15.11
CA THR A 20 7.96 12.06 16.25
C THR A 20 8.29 10.63 15.85
N SER A 21 8.39 9.74 16.83
CA SER A 21 8.99 8.43 16.58
C SER A 21 8.21 7.28 17.23
N THR A 22 7.00 7.55 17.68
CA THR A 22 6.15 6.51 18.25
C THR A 22 4.92 6.36 17.37
N TYR A 23 4.57 5.12 17.05
CA TYR A 23 3.36 4.83 16.26
C TYR A 23 2.25 4.45 17.21
N TYR A 24 1.11 5.13 17.09
CA TYR A 24 -0.07 4.85 17.95
C TYR A 24 -1.21 4.32 17.10
N TYR A 25 -1.83 3.23 17.55
CA TYR A 25 -2.90 2.60 16.77
C TYR A 25 -3.78 1.75 17.66
N ASP A 26 -5.02 1.53 17.23
CA ASP A 26 -5.91 0.64 17.93
C ASP A 26 -5.42 -0.80 17.84
N GLU A 27 -5.42 -1.50 18.98
CA GLU A 27 -4.87 -2.86 19.09
C GLU A 27 -5.53 -3.88 18.17
N SER A 28 -6.73 -3.56 17.66
CA SER A 28 -7.38 -4.45 16.68
C SER A 28 -6.46 -4.68 15.46
N ALA A 29 -5.71 -3.65 15.08
CA ALA A 29 -4.55 -3.81 14.17
C ALA A 29 -4.85 -4.50 12.85
N GLY A 30 -6.05 -4.29 12.31
CA GLY A 30 -6.38 -4.92 11.02
C GLY A 30 -6.72 -6.40 11.09
N GLN A 31 -6.93 -6.95 12.30
CA GLN A 31 -7.32 -8.35 12.43
CA GLN A 31 -7.36 -8.34 12.49
C GLN A 31 -8.65 -8.58 11.69
N GLY A 32 -8.70 -9.67 10.93
CA GLY A 32 -9.93 -9.98 10.21
C GLY A 32 -10.04 -9.35 8.84
N SER A 33 -9.07 -8.50 8.51
CA SER A 33 -8.95 -7.95 7.15
C SER A 33 -7.90 -8.75 6.37
N CYS A 34 -7.86 -8.51 5.06
CA CYS A 34 -6.86 -9.13 4.18
C CYS A 34 -6.29 -8.09 3.24
N VAL A 35 -4.98 -8.16 3.02
CA VAL A 35 -4.34 -7.31 2.03
C VAL A 35 -3.56 -8.16 1.04
N TYR A 36 -3.88 -8.00 -0.25
CA TYR A 36 -3.13 -8.63 -1.32
C TYR A 36 -2.02 -7.68 -1.73
N VAL A 37 -0.81 -8.22 -1.83
CA VAL A 37 0.32 -7.44 -2.29
C VAL A 37 0.68 -8.01 -3.64
N ILE A 38 0.40 -7.22 -4.67
CA ILE A 38 0.54 -7.67 -6.06
C ILE A 38 1.86 -7.11 -6.53
N ASP A 39 2.89 -7.97 -6.65
CA ASP A 39 4.26 -7.46 -6.71
C ASP A 39 5.22 -8.58 -7.09
N THR A 40 6.46 -8.55 -6.56
CA THR A 40 7.46 -9.56 -6.86
C THR A 40 7.33 -10.81 -5.97
N GLY A 41 6.29 -10.85 -5.12
CA GLY A 41 6.14 -11.94 -4.16
C GLY A 41 6.34 -11.45 -2.74
N ILE A 42 6.26 -12.36 -1.78
CA ILE A 42 6.50 -12.06 -0.36
C ILE A 42 7.27 -13.23 0.23
N GLU A 43 8.36 -12.93 0.94
CA GLU A 43 9.06 -13.96 1.69
C GLU A 43 8.26 -14.22 2.97
N ALA A 44 7.28 -15.12 2.83
CA ALA A 44 6.34 -15.39 3.92
C ALA A 44 7.00 -15.95 5.18
N SER A 45 8.15 -16.60 5.02
CA SER A 45 8.86 -17.19 6.15
C SER A 45 9.57 -16.14 7.03
N HIS A 46 9.61 -14.88 6.58
CA HIS A 46 10.26 -13.85 7.38
C HIS A 46 9.61 -13.80 8.77
N PRO A 47 10.42 -13.86 9.85
CA PRO A 47 9.85 -13.82 11.20
C PRO A 47 8.92 -12.64 11.43
N GLU A 48 9.17 -11.54 10.73
CA GLU A 48 8.33 -10.34 10.84
C GLU A 48 6.86 -10.57 10.46
N PHE A 49 6.59 -11.60 9.67
CA PHE A 49 5.20 -11.86 9.24
C PHE A 49 4.42 -12.78 10.15
N GLU A 50 5.12 -13.51 11.02
CA GLU A 50 4.49 -14.28 12.10
C GLU A 50 3.48 -15.32 11.63
N GLY A 51 3.65 -15.83 10.41
CA GLY A 51 2.70 -16.82 9.88
C GLY A 51 1.44 -16.22 9.25
N ARG A 52 1.36 -14.89 9.22
CA ARG A 52 0.21 -14.19 8.64
C ARG A 52 0.34 -13.89 7.15
N ALA A 53 1.49 -14.25 6.55
CA ALA A 53 1.69 -14.03 5.12
C ALA A 53 1.75 -15.36 4.41
N GLN A 54 1.25 -15.35 3.17
CA GLN A 54 1.37 -16.54 2.31
C GLN A 54 1.31 -16.13 0.86
N MET A 55 1.99 -16.90 0.03
CA MET A 55 1.85 -16.74 -1.41
C MET A 55 0.61 -17.48 -1.89
N VAL A 56 -0.20 -16.82 -2.71
CA VAL A 56 -1.41 -17.46 -3.24
C VAL A 56 -1.37 -17.63 -4.77
N LYS A 57 -0.47 -16.91 -5.44
CA LYS A 57 -0.39 -17.00 -6.91
C LYS A 57 0.96 -16.53 -7.40
N THR A 58 1.48 -17.22 -8.41
CA THR A 58 2.59 -16.72 -9.20
C THR A 58 2.38 -17.02 -10.68
N TYR A 59 3.02 -16.22 -11.54
CA TYR A 59 2.97 -16.42 -12.99
C TYR A 59 4.32 -16.86 -13.54
N TYR A 60 5.25 -17.16 -12.62
CA TYR A 60 6.65 -17.49 -12.94
C TYR A 60 7.05 -18.83 -12.33
N TYR A 61 8.31 -19.22 -12.54
CA TYR A 61 8.76 -20.58 -12.12
C TYR A 61 8.73 -20.77 -10.60
N SER A 62 8.64 -19.68 -9.85
CA SER A 62 8.56 -19.78 -8.40
C SER A 62 7.64 -18.70 -7.87
N SER A 63 7.08 -18.95 -6.69
CA SER A 63 6.33 -17.91 -5.97
CA SER A 63 6.32 -17.96 -5.93
C SER A 63 7.23 -17.14 -5.01
N ARG A 64 8.50 -17.54 -4.91
CA ARG A 64 9.43 -16.86 -4.04
C ARG A 64 9.74 -15.45 -4.53
N ASP A 65 9.87 -14.53 -3.58
CA ASP A 65 10.35 -13.20 -3.90
C ASP A 65 11.88 -13.25 -4.02
N GLY A 66 12.38 -13.29 -5.27
CA GLY A 66 13.81 -13.23 -5.51
C GLY A 66 14.36 -11.82 -5.69
N ASN A 67 13.51 -10.82 -5.40
CA ASN A 67 13.89 -9.43 -5.59
C ASN A 67 14.02 -8.69 -4.26
N GLY A 68 12.93 -8.71 -3.48
CA GLY A 68 12.90 -8.00 -2.21
C GLY A 68 11.79 -6.97 -2.17
N HIS A 69 11.49 -6.36 -3.31
CA HIS A 69 10.53 -5.25 -3.37
C HIS A 69 9.15 -5.63 -2.80
N GLY A 70 8.62 -6.79 -3.21
CA GLY A 70 7.31 -7.20 -2.71
C GLY A 70 7.29 -7.47 -1.22
N THR A 71 8.38 -8.06 -0.73
CA THR A 71 8.58 -8.31 0.69
C THR A 71 8.61 -7.00 1.48
N HIS A 72 9.29 -6.00 0.92
CA HIS A 72 9.40 -4.70 1.58
C HIS A 72 8.01 -4.06 1.68
N CYS A 73 7.27 -4.06 0.57
CA CYS A 73 5.92 -3.49 0.55
C CYS A 73 5.00 -4.24 1.50
N ALA A 74 5.05 -5.57 1.45
CA ALA A 74 4.24 -6.37 2.38
C ALA A 74 4.57 -6.04 3.84
N GLY A 75 5.85 -5.81 4.12
CA GLY A 75 6.25 -5.45 5.48
C GLY A 75 5.65 -4.14 5.94
N THR A 76 5.57 -3.16 5.05
CA THR A 76 4.95 -1.87 5.39
C THR A 76 3.44 -2.03 5.60
N VAL A 77 2.79 -2.91 4.84
CA VAL A 77 1.38 -3.20 5.11
C VAL A 77 1.17 -3.80 6.50
N GLY A 78 1.90 -4.88 6.79
CA GLY A 78 1.50 -5.79 7.85
C GLY A 78 2.54 -6.50 8.69
N SER A 79 3.82 -6.16 8.57
CA SER A 79 4.81 -6.80 9.46
C SER A 79 4.67 -6.32 10.91
N ARG A 80 5.11 -7.15 11.84
CA ARG A 80 4.97 -6.81 13.26
C ARG A 80 5.68 -5.50 13.63
N THR A 81 6.88 -5.27 13.09
CA THR A 81 7.65 -4.07 13.46
C THR A 81 7.44 -2.94 12.45
N TYR A 82 7.37 -3.27 11.17
CA TYR A 82 7.41 -2.25 10.12
C TYR A 82 6.06 -1.95 9.51
N GLY A 83 5.02 -2.64 9.98
CA GLY A 83 3.71 -2.55 9.35
C GLY A 83 2.68 -1.66 10.01
N VAL A 84 1.78 -1.14 9.18
CA VAL A 84 0.67 -0.31 9.65
C VAL A 84 -0.42 -1.15 10.33
N ALA A 85 -0.75 -2.30 9.71
CA ALA A 85 -1.86 -3.16 10.14
C ALA A 85 -1.25 -4.48 10.57
N LYS A 86 -0.85 -4.52 11.85
CA LYS A 86 0.08 -5.55 12.33
C LYS A 86 -0.57 -6.92 12.54
N LYS A 87 -1.89 -7.02 12.35
CA LYS A 87 -2.58 -8.30 12.49
CA LYS A 87 -2.57 -8.30 12.48
C LYS A 87 -3.39 -8.68 11.25
N THR A 88 -3.19 -7.94 10.14
CA THR A 88 -3.86 -8.32 8.90
C THR A 88 -3.30 -9.62 8.31
N GLN A 89 -4.07 -10.24 7.43
CA GLN A 89 -3.62 -11.39 6.64
C GLN A 89 -3.06 -10.89 5.32
N LEU A 90 -1.85 -11.33 4.99
CA LEU A 90 -1.15 -10.86 3.79
C LEU A 90 -1.13 -11.95 2.72
N PHE A 91 -1.54 -11.62 1.50
CA PHE A 91 -1.57 -12.59 0.41
C PHE A 91 -0.69 -12.08 -0.72
N GLY A 92 0.30 -12.86 -1.11
CA GLY A 92 1.20 -12.46 -2.19
C GLY A 92 0.75 -12.96 -3.54
N VAL A 93 0.77 -12.07 -4.52
CA VAL A 93 0.46 -12.42 -5.92
C VAL A 93 1.64 -11.93 -6.73
N LYS A 94 2.42 -12.87 -7.26
CA LYS A 94 3.66 -12.52 -7.92
C LYS A 94 3.41 -12.28 -9.41
N VAL A 95 3.16 -11.01 -9.76
CA VAL A 95 2.99 -10.60 -11.16
C VAL A 95 4.28 -10.04 -11.74
N LEU A 96 5.25 -9.78 -10.87
CA LEU A 96 6.54 -9.20 -11.28
C LEU A 96 7.61 -10.24 -11.10
N ASP A 97 8.49 -10.35 -12.09
CA ASP A 97 9.61 -11.29 -12.00
C ASP A 97 10.68 -10.82 -11.00
N ASP A 98 11.72 -11.61 -10.83
CA ASP A 98 12.73 -11.27 -9.83
C ASP A 98 13.59 -10.06 -10.20
N ASN A 99 13.43 -9.57 -11.42
CA ASN A 99 14.05 -8.31 -11.83
C ASN A 99 13.12 -7.13 -11.60
N GLY A 100 11.90 -7.40 -11.11
CA GLY A 100 10.91 -6.36 -10.85
C GLY A 100 10.09 -5.96 -12.06
N SER A 101 10.18 -6.76 -13.13
CA SER A 101 9.49 -6.48 -14.39
CA SER A 101 9.51 -6.49 -14.40
C SER A 101 8.27 -7.37 -14.56
N GLY A 102 7.31 -6.90 -15.33
CA GLY A 102 6.13 -7.73 -15.61
C GLY A 102 5.38 -7.19 -16.80
N GLN A 103 4.87 -8.09 -17.62
CA GLN A 103 4.03 -7.72 -18.74
C GLN A 103 2.67 -7.24 -18.25
N TYR A 104 2.11 -6.25 -18.93
CA TYR A 104 0.77 -5.77 -18.56
C TYR A 104 -0.27 -6.89 -18.56
N SER A 105 -0.15 -7.85 -19.48
CA SER A 105 -1.13 -8.93 -19.52
C SER A 105 -1.10 -9.78 -18.25
N THR A 106 0.10 -9.95 -17.69
CA THR A 106 0.27 -10.67 -16.44
C THR A 106 -0.31 -9.86 -15.28
N ILE A 107 -0.04 -8.57 -15.28
CA ILE A 107 -0.53 -7.70 -14.22
C ILE A 107 -2.06 -7.69 -14.20
N ILE A 108 -2.66 -7.61 -15.39
CA ILE A 108 -4.11 -7.64 -15.51
C ILE A 108 -4.67 -8.95 -14.97
N ALA A 109 -4.08 -10.07 -15.40
CA ALA A 109 -4.51 -11.38 -14.90
C ALA A 109 -4.40 -11.45 -13.38
N GLY A 110 -3.35 -10.87 -12.81
CA GLY A 110 -3.21 -10.86 -11.35
C GLY A 110 -4.31 -10.08 -10.65
N MET A 111 -4.73 -8.96 -11.23
CA MET A 111 -5.83 -8.17 -10.65
C MET A 111 -7.15 -8.95 -10.73
N ASP A 112 -7.45 -9.52 -11.89
CA ASP A 112 -8.66 -10.32 -12.00
CA ASP A 112 -8.62 -10.42 -12.09
C ASP A 112 -8.60 -11.54 -11.07
N PHE A 113 -7.41 -12.09 -10.87
CA PHE A 113 -7.21 -13.17 -9.91
C PHE A 113 -7.64 -12.76 -8.50
N VAL A 114 -7.17 -11.60 -8.05
CA VAL A 114 -7.51 -11.15 -6.70
C VAL A 114 -9.03 -10.92 -6.55
N ALA A 115 -9.66 -10.37 -7.57
CA ALA A 115 -11.09 -10.11 -7.49
C ALA A 115 -11.87 -11.41 -7.27
N SER A 116 -11.41 -12.50 -7.87
CA SER A 116 -12.04 -13.80 -7.65
C SER A 116 -11.54 -14.47 -6.38
N ASP A 117 -10.22 -14.44 -6.18
CA ASP A 117 -9.61 -15.19 -5.09
C ASP A 117 -10.09 -14.75 -3.71
N LYS A 118 -10.52 -13.51 -3.56
CA LYS A 118 -10.99 -13.06 -2.25
C LYS A 118 -12.17 -13.92 -1.78
N ASN A 119 -12.92 -14.48 -2.73
CA ASN A 119 -14.04 -15.36 -2.40
C ASN A 119 -13.59 -16.71 -1.84
N ASN A 120 -12.28 -16.97 -1.90
CA ASN A 120 -11.71 -18.20 -1.34
CA ASN A 120 -11.64 -18.20 -1.36
C ASN A 120 -10.99 -17.94 -0.02
N ARG A 121 -11.12 -16.72 0.48
CA ARG A 121 -10.40 -16.30 1.69
C ARG A 121 -11.38 -15.81 2.75
N ASN A 122 -10.93 -15.83 3.99
CA ASN A 122 -11.73 -15.31 5.10
C ASN A 122 -11.26 -13.92 5.50
N CYS A 123 -12.05 -12.93 5.11
CA CYS A 123 -11.72 -11.52 5.28
C CYS A 123 -12.97 -10.78 5.74
N PRO A 124 -13.50 -11.14 6.92
CA PRO A 124 -14.78 -10.59 7.34
C PRO A 124 -14.78 -9.07 7.51
N LYS A 125 -13.60 -8.49 7.74
CA LYS A 125 -13.49 -7.03 7.88
C LYS A 125 -13.22 -6.31 6.57
N GLY A 126 -12.91 -7.07 5.52
CA GLY A 126 -12.77 -6.49 4.20
C GLY A 126 -11.42 -6.78 3.58
N VAL A 127 -11.32 -6.39 2.32
CA VAL A 127 -10.19 -6.76 1.45
C VAL A 127 -9.56 -5.54 0.78
N VAL A 128 -8.23 -5.51 0.78
CA VAL A 128 -7.43 -4.43 0.21
C VAL A 128 -6.46 -5.05 -0.79
N ALA A 129 -6.11 -4.30 -1.85
CA ALA A 129 -5.02 -4.72 -2.73
C ALA A 129 -4.05 -3.55 -2.87
N SER A 130 -2.76 -3.87 -2.74
CA SER A 130 -1.70 -2.87 -2.81
C SER A 130 -0.90 -3.14 -4.08
N LEU A 131 -0.85 -2.15 -4.98
CA LEU A 131 -0.13 -2.27 -6.25
CA LEU A 131 -0.17 -2.26 -6.27
C LEU A 131 0.97 -1.23 -6.39
N SER A 132 2.16 -1.61 -5.93
CA SER A 132 3.34 -0.76 -6.02
C SER A 132 4.05 -1.00 -7.34
N LEU A 133 3.36 -0.65 -8.41
CA LEU A 133 3.85 -0.91 -9.75
C LEU A 133 3.14 0.02 -10.74
N GLY A 134 3.72 0.12 -11.93
CA GLY A 134 3.10 0.93 -12.96
C GLY A 134 3.95 1.02 -14.19
N GLY A 135 3.34 1.49 -15.26
CA GLY A 135 4.02 1.77 -16.50
C GLY A 135 3.27 2.89 -17.21
N GLY A 136 3.48 2.99 -18.52
CA GLY A 136 2.79 4.00 -19.28
C GLY A 136 1.29 3.79 -19.34
N TYR A 137 0.57 4.83 -19.72
CA TYR A 137 -0.89 4.76 -19.77
C TYR A 137 -1.39 3.56 -20.58
N SER A 138 -2.33 2.82 -19.99
CA SER A 138 -2.99 1.71 -20.65
C SER A 138 -4.42 1.65 -20.17
N SER A 139 -5.36 1.77 -21.10
CA SER A 139 -6.77 1.68 -20.73
C SER A 139 -7.11 0.29 -20.19
N SER A 140 -6.46 -0.75 -20.71
CA SER A 140 -6.76 -2.11 -20.24
CA SER A 140 -6.74 -2.11 -20.25
C SER A 140 -6.26 -2.32 -18.82
N VAL A 141 -5.09 -1.76 -18.50
CA VAL A 141 -4.58 -1.86 -17.12
C VAL A 141 -5.48 -1.08 -16.17
N ASN A 142 -5.89 0.12 -16.58
CA ASN A 142 -6.80 0.92 -15.75
C ASN A 142 -8.11 0.21 -15.53
N SER A 143 -8.64 -0.41 -16.60
CA SER A 143 -9.90 -1.12 -16.51
CA SER A 143 -9.91 -1.13 -16.52
C SER A 143 -9.82 -2.30 -15.54
N ALA A 144 -8.70 -3.01 -15.56
CA ALA A 144 -8.50 -4.13 -14.62
C ALA A 144 -8.50 -3.63 -13.17
N ALA A 145 -7.83 -2.49 -12.93
CA ALA A 145 -7.81 -1.89 -11.59
C ALA A 145 -9.22 -1.43 -11.19
N ALA A 146 -9.95 -0.86 -12.15
CA ALA A 146 -11.34 -0.45 -11.92
C ALA A 146 -12.24 -1.65 -11.58
N ARG A 147 -12.03 -2.78 -12.29
CA ARG A 147 -12.83 -3.98 -11.99
C ARG A 147 -12.54 -4.49 -10.59
N LEU A 148 -11.25 -4.54 -10.24
CA LEU A 148 -10.86 -5.01 -8.91
C LEU A 148 -11.54 -4.18 -7.81
N GLN A 149 -11.46 -2.85 -7.97
CA GLN A 149 -12.12 -1.93 -7.05
C GLN A 149 -13.63 -2.19 -7.00
N SER A 150 -14.26 -2.24 -8.17
CA SER A 150 -15.70 -2.48 -8.29
C SER A 150 -16.15 -3.78 -7.59
N SER A 151 -15.26 -4.78 -7.62
CA SER A 151 -15.56 -6.09 -7.05
C SER A 151 -15.59 -6.09 -5.52
N GLY A 152 -15.23 -4.97 -4.91
CA GLY A 152 -15.27 -4.83 -3.45
C GLY A 152 -13.92 -4.92 -2.76
N VAL A 153 -12.88 -4.51 -3.49
CA VAL A 153 -11.52 -4.50 -2.94
C VAL A 153 -11.05 -3.05 -2.91
N MET A 154 -10.49 -2.63 -1.79
CA MET A 154 -9.90 -1.29 -1.70
C MET A 154 -8.58 -1.33 -2.43
N VAL A 155 -8.54 -0.73 -3.61
CA VAL A 155 -7.32 -0.75 -4.44
C VAL A 155 -6.49 0.50 -4.22
N ALA A 156 -5.25 0.29 -3.77
CA ALA A 156 -4.28 1.35 -3.60
C ALA A 156 -3.15 1.14 -4.59
N VAL A 157 -2.82 2.18 -5.35
CA VAL A 157 -1.80 2.10 -6.39
C VAL A 157 -0.78 3.24 -6.29
N ALA A 158 0.47 2.93 -6.64
CA ALA A 158 1.55 3.93 -6.63
C ALA A 158 1.34 4.99 -7.71
N ALA A 159 1.57 6.25 -7.35
CA ALA A 159 1.45 7.31 -8.34
C ALA A 159 2.55 7.23 -9.41
N GLY A 160 3.70 6.67 -9.02
CA GLY A 160 4.88 6.60 -9.89
C GLY A 160 5.98 7.55 -9.48
N ASN A 161 7.21 7.23 -9.91
CA ASN A 161 8.40 7.96 -9.46
C ASN A 161 9.08 8.80 -10.53
N ASN A 162 8.28 9.46 -11.36
CA ASN A 162 8.78 10.20 -12.53
C ASN A 162 8.82 11.72 -12.33
N ASN A 163 8.47 12.18 -11.13
CA ASN A 163 8.29 13.62 -10.87
C ASN A 163 7.49 14.27 -12.02
N ALA A 164 6.35 13.64 -12.34
CA ALA A 164 5.54 14.06 -13.48
C ALA A 164 4.07 13.84 -13.16
N ASP A 165 3.19 14.30 -14.05
CA ASP A 165 1.77 14.12 -13.83
C ASP A 165 1.42 12.64 -14.00
N ALA A 166 0.81 12.08 -12.96
CA ALA A 166 0.44 10.66 -12.95
C ALA A 166 -0.64 10.30 -13.98
N ARG A 167 -1.23 11.29 -14.64
CA ARG A 167 -2.25 11.05 -15.68
C ARG A 167 -1.71 10.17 -16.80
N ASN A 168 -0.38 10.15 -16.95
CA ASN A 168 0.24 9.42 -18.06
C ASN A 168 0.76 8.04 -17.69
N TYR A 169 0.35 7.54 -16.53
CA TYR A 169 0.81 6.25 -16.02
C TYR A 169 -0.35 5.39 -15.58
N SER A 170 -0.17 4.07 -15.65
CA SER A 170 -1.21 3.11 -15.24
C SER A 170 -0.65 2.07 -14.30
N PRO A 171 -1.43 1.62 -13.30
CA PRO A 171 -2.82 2.01 -13.01
C PRO A 171 -3.00 3.34 -12.26
N ALA A 172 -1.93 4.12 -12.05
CA ALA A 172 -2.02 5.41 -11.34
C ALA A 172 -3.17 6.29 -11.84
N SER A 173 -3.37 6.30 -13.15
CA SER A 173 -4.33 7.23 -13.75
C SER A 173 -5.78 6.77 -13.71
N GLU A 174 -6.02 5.56 -13.20
CA GLU A 174 -7.40 5.08 -13.09
C GLU A 174 -8.13 5.88 -11.99
N PRO A 175 -9.19 6.65 -12.34
CA PRO A 175 -9.76 7.52 -11.31
C PRO A 175 -10.38 6.79 -10.11
N SER A 176 -10.92 5.60 -10.34
CA SER A 176 -11.72 4.95 -9.30
C SER A 176 -10.94 4.24 -8.19
N VAL A 177 -9.62 4.14 -8.34
CA VAL A 177 -8.75 3.55 -7.32
C VAL A 177 -8.13 4.66 -6.47
N CYS A 178 -7.32 4.27 -5.48
CA CYS A 178 -6.68 5.23 -4.60
C CYS A 178 -5.23 5.39 -5.04
N THR A 179 -4.92 6.55 -5.64
CA THR A 179 -3.61 6.79 -6.22
C THR A 179 -2.77 7.56 -5.20
N VAL A 180 -1.62 6.98 -4.88
CA VAL A 180 -0.85 7.39 -3.70
C VAL A 180 0.50 8.00 -4.10
N GLY A 181 0.71 9.26 -3.71
CA GLY A 181 2.01 9.92 -3.86
C GLY A 181 2.87 9.74 -2.63
N ALA A 182 4.12 10.17 -2.71
CA ALA A 182 5.08 9.95 -1.62
C ALA A 182 5.54 11.24 -0.98
N SER A 183 5.70 11.21 0.35
CA SER A 183 6.30 12.32 1.12
C SER A 183 7.52 11.86 1.91
N ASP A 184 8.30 12.84 2.39
CA ASP A 184 9.47 12.55 3.23
C ASP A 184 9.24 12.93 4.69
N ARG A 185 10.22 12.66 5.53
CA ARG A 185 10.05 12.83 6.97
CA ARG A 185 10.04 12.84 6.97
C ARG A 185 9.94 14.30 7.41
N TYR A 186 10.24 15.21 6.48
CA TYR A 186 10.09 16.64 6.73
C TYR A 186 8.85 17.22 6.05
N ASP A 187 7.94 16.33 5.66
CA ASP A 187 6.67 16.71 5.05
C ASP A 187 6.85 17.43 3.72
N ARG A 188 7.92 17.12 3.00
CA ARG A 188 8.06 17.57 1.62
C ARG A 188 7.52 16.48 0.72
N ARG A 189 6.90 16.86 -0.41
CA ARG A 189 6.66 15.90 -1.47
C ARG A 189 8.01 15.25 -1.80
N SER A 190 8.04 13.92 -1.87
CA SER A 190 9.29 13.24 -2.23
C SER A 190 9.77 13.73 -3.60
N SER A 191 11.09 13.83 -3.77
CA SER A 191 11.65 14.43 -4.97
C SER A 191 11.19 13.78 -6.25
N PHE A 192 10.95 12.47 -6.19
CA PHE A 192 10.61 11.66 -7.35
C PHE A 192 9.10 11.48 -7.50
N SER A 193 8.31 11.91 -6.52
CA SER A 193 6.88 11.55 -6.54
C SER A 193 6.14 12.20 -7.71
N ASN A 194 5.39 11.39 -8.43
CA ASN A 194 4.39 11.96 -9.33
C ASN A 194 3.34 12.79 -8.58
N TYR A 195 2.61 13.57 -9.35
CA TYR A 195 1.63 14.51 -8.82
C TYR A 195 0.50 14.60 -9.84
N GLY A 196 -0.41 15.54 -9.63
CA GLY A 196 -1.50 15.77 -10.59
C GLY A 196 -2.85 15.58 -9.92
N SER A 197 -3.88 15.97 -10.65
CA SER A 197 -5.27 15.88 -10.18
C SER A 197 -5.72 14.46 -9.80
N VAL A 198 -5.12 13.45 -10.42
CA VAL A 198 -5.54 12.07 -10.17
C VAL A 198 -5.07 11.54 -8.81
N LEU A 199 -4.05 12.16 -8.21
CA LEU A 199 -3.65 11.72 -6.85
C LEU A 199 -4.79 11.89 -5.86
N ASP A 200 -4.96 10.90 -5.00
CA ASP A 200 -5.96 10.96 -3.94
C ASP A 200 -5.37 11.36 -2.59
N ILE A 201 -4.10 11.01 -2.39
CA ILE A 201 -3.51 11.00 -1.05
C ILE A 201 -2.00 10.85 -1.17
N PHE A 202 -1.30 11.31 -0.14
CA PHE A 202 0.13 11.05 0.01
C PHE A 202 0.36 10.17 1.22
N GLY A 203 1.40 9.37 1.15
CA GLY A 203 1.87 8.62 2.31
C GLY A 203 3.39 8.66 2.37
N PRO A 204 3.96 8.25 3.50
CA PRO A 204 5.42 8.23 3.63
C PRO A 204 6.11 7.36 2.58
N GLY A 205 7.06 7.94 1.85
CA GLY A 205 7.72 7.21 0.78
C GLY A 205 9.22 7.35 0.65
N THR A 206 9.84 8.27 1.39
CA THR A 206 11.29 8.45 1.34
C THR A 206 11.94 7.85 2.58
N ASP A 207 12.90 6.95 2.33
CA ASP A 207 13.69 6.32 3.40
C ASP A 207 12.80 5.53 4.37
N ILE A 208 12.14 4.52 3.80
CA ILE A 208 11.19 3.69 4.54
C ILE A 208 11.83 2.35 4.88
N LEU A 209 11.98 2.11 6.19
CA LEU A 209 12.53 0.85 6.68
C LEU A 209 11.44 -0.23 6.70
N SER A 210 11.79 -1.40 6.15
CA SER A 210 10.87 -2.53 6.15
C SER A 210 11.62 -3.83 5.94
N THR A 211 10.86 -4.94 5.88
CA THR A 211 11.42 -6.26 5.64
C THR A 211 12.09 -6.38 4.26
N TRP A 212 13.05 -7.29 4.18
CA TRP A 212 13.67 -7.64 2.92
C TRP A 212 13.91 -9.14 2.89
N ILE A 213 14.23 -9.64 1.70
CA ILE A 213 14.47 -11.09 1.55
C ILE A 213 15.75 -11.54 2.29
N GLY A 214 15.86 -12.85 2.52
CA GLY A 214 16.89 -13.38 3.40
C GLY A 214 16.68 -13.02 4.87
N GLY A 215 15.43 -12.81 5.27
CA GLY A 215 15.11 -12.53 6.67
C GLY A 215 15.74 -11.23 7.16
N SER A 216 15.87 -10.26 6.26
CA SER A 216 16.61 -9.05 6.54
CA SER A 216 16.61 -9.04 6.56
C SER A 216 15.69 -7.82 6.61
N THR A 217 16.30 -6.65 6.67
CA THR A 217 15.57 -5.37 6.59
C THR A 217 16.41 -4.40 5.81
N ARG A 218 15.74 -3.40 5.23
CA ARG A 218 16.45 -2.26 4.63
C ARG A 218 15.51 -1.10 4.40
N SER A 219 16.13 0.06 4.16
CA SER A 219 15.41 1.27 3.86
CA SER A 219 15.40 1.27 3.86
C SER A 219 15.52 1.59 2.37
N ILE A 220 14.38 1.79 1.73
CA ILE A 220 14.34 2.23 0.33
C ILE A 220 13.23 3.28 0.17
N SER A 221 13.16 3.89 -1.01
CA SER A 221 12.29 5.00 -1.29
C SER A 221 11.47 4.75 -2.53
N GLY A 222 10.25 5.28 -2.54
CA GLY A 222 9.43 5.25 -3.73
C GLY A 222 7.97 5.49 -3.40
N THR A 223 7.19 5.84 -4.41
CA THR A 223 5.73 5.75 -4.27
C THR A 223 5.30 4.32 -3.97
N SER A 224 6.17 3.36 -4.29
CA SER A 224 5.95 1.94 -3.93
C SER A 224 5.92 1.74 -2.43
N MET A 225 6.59 2.62 -1.71
CA MET A 225 6.65 2.53 -0.24
C MET A 225 5.48 3.29 0.39
N ALA A 226 5.01 4.36 -0.26
CA ALA A 226 3.86 5.12 0.23
C ALA A 226 2.57 4.31 0.11
N THR A 227 2.45 3.58 -0.99
CA THR A 227 1.23 2.83 -1.31
C THR A 227 0.82 1.84 -0.20
N PRO A 228 1.76 0.98 0.26
CA PRO A 228 1.40 0.03 1.33
C PRO A 228 1.08 0.71 2.68
N HIS A 229 1.57 1.93 2.92
CA HIS A 229 1.10 2.66 4.10
C HIS A 229 -0.41 2.89 3.99
N VAL A 230 -0.85 3.34 2.82
CA VAL A 230 -2.27 3.60 2.59
C VAL A 230 -3.09 2.31 2.58
N ALA A 231 -2.56 1.25 1.95
CA ALA A 231 -3.23 -0.05 1.93
C ALA A 231 -3.40 -0.59 3.36
N GLY A 232 -2.33 -0.54 4.15
CA GLY A 232 -2.43 -0.99 5.54
C GLY A 232 -3.37 -0.11 6.35
N LEU A 233 -3.34 1.21 6.10
CA LEU A 233 -4.27 2.12 6.78
C LEU A 233 -5.73 1.75 6.47
N ALA A 234 -6.02 1.46 5.20
CA ALA A 234 -7.37 1.05 4.80
C ALA A 234 -7.80 -0.20 5.54
N ALA A 235 -6.92 -1.21 5.59
CA ALA A 235 -7.24 -2.47 6.28
C ALA A 235 -7.54 -2.22 7.75
N TYR A 236 -6.70 -1.40 8.38
CA TYR A 236 -6.86 -1.01 9.79
C TYR A 236 -8.20 -0.31 10.03
N LEU A 237 -8.57 0.62 9.14
CA LEU A 237 -9.82 1.37 9.33
C LEU A 237 -11.04 0.49 9.07
N MET A 238 -10.90 -0.44 8.14
CA MET A 238 -11.98 -1.37 7.82
CA MET A 238 -11.97 -1.39 7.81
C MET A 238 -12.21 -2.33 9.00
N THR A 239 -11.13 -2.80 9.62
CA THR A 239 -11.27 -3.62 10.82
C THR A 239 -12.02 -2.87 11.93
N LEU A 240 -11.75 -1.57 12.06
CA LEU A 240 -12.45 -0.74 13.04
C LEU A 240 -13.90 -0.46 12.68
N GLY A 241 -14.30 -0.85 11.47
CA GLY A 241 -15.66 -0.58 10.99
C GLY A 241 -15.93 0.86 10.62
N LYS A 242 -14.87 1.64 10.45
CA LYS A 242 -15.00 3.07 10.17
C LYS A 242 -15.27 3.38 8.71
N THR A 243 -14.93 2.43 7.84
CA THR A 243 -15.13 2.61 6.42
C THR A 243 -15.23 1.25 5.73
N THR A 244 -15.43 1.27 4.41
CA THR A 244 -15.59 0.06 3.61
C THR A 244 -14.61 0.08 2.44
N ALA A 245 -14.48 -1.02 1.71
CA ALA A 245 -13.59 -1.05 0.54
C ALA A 245 -13.96 0.02 -0.50
N ALA A 246 -15.25 0.22 -0.74
CA ALA A 246 -15.72 1.18 -1.72
C ALA A 246 -15.48 2.63 -1.30
N SER A 247 -15.45 2.88 0.01
CA SER A 247 -15.41 4.27 0.51
C SER A 247 -14.11 4.66 1.20
N ALA A 248 -13.17 3.70 1.34
CA ALA A 248 -11.97 3.92 2.16
C ALA A 248 -11.06 5.00 1.64
N CYS A 249 -10.88 5.10 0.32
CA CYS A 249 -10.01 6.11 -0.24
C CYS A 249 -10.56 7.50 0.11
N ARG A 250 -11.87 7.69 -0.12
CA ARG A 250 -12.56 8.94 0.25
CA ARG A 250 -12.56 8.93 0.24
C ARG A 250 -12.45 9.22 1.74
N TYR A 251 -12.61 8.19 2.57
CA TYR A 251 -12.55 8.36 4.02
C TYR A 251 -11.14 8.80 4.45
N ILE A 252 -10.13 8.19 3.84
CA ILE A 252 -8.74 8.54 4.12
C ILE A 252 -8.50 9.99 3.71
N ALA A 253 -9.00 10.39 2.53
CA ALA A 253 -8.86 11.78 2.12
C ALA A 253 -9.60 12.73 3.07
N ASP A 254 -10.80 12.34 3.49
CA ASP A 254 -11.61 13.15 4.41
C ASP A 254 -10.88 13.41 5.73
N THR A 255 -10.15 12.40 6.20
CA THR A 255 -9.59 12.41 7.54
C THR A 255 -8.09 12.69 7.55
N ALA A 256 -7.54 12.99 6.39
CA ALA A 256 -6.10 13.25 6.23
C ALA A 256 -5.64 14.49 6.98
N ASN A 257 -4.33 14.57 7.22
CA ASN A 257 -3.73 15.84 7.59
C ASN A 257 -3.72 16.70 6.34
N LYS A 258 -4.25 17.91 6.45
CA LYS A 258 -4.54 18.76 5.29
C LYS A 258 -3.65 19.98 5.25
N GLY A 259 -3.03 20.22 4.10
CA GLY A 259 -2.27 21.45 3.92
C GLY A 259 -0.89 21.47 4.55
N ASP A 260 -0.39 20.31 4.98
CA ASP A 260 0.86 20.24 5.73
C ASP A 260 2.10 19.89 4.90
N LEU A 261 1.91 19.50 3.64
CA LEU A 261 3.02 19.10 2.79
C LEU A 261 3.54 20.30 2.01
N SER A 262 4.85 20.32 1.77
CA SER A 262 5.48 21.33 0.94
C SER A 262 5.82 20.78 -0.44
N ASN A 263 6.02 21.71 -1.38
CA ASN A 263 6.29 21.41 -2.80
C ASN A 263 5.23 20.53 -3.46
N ILE A 264 3.99 20.78 -3.07
CA ILE A 264 2.83 20.22 -3.75
C ILE A 264 2.43 21.17 -4.89
N PRO A 265 2.51 20.70 -6.15
CA PRO A 265 2.14 21.58 -7.27
C PRO A 265 0.69 22.00 -7.19
N PHE A 266 0.43 23.25 -7.55
CA PHE A 266 -0.92 23.75 -7.68
C PHE A 266 -1.78 22.75 -8.45
N GLY A 267 -2.90 22.38 -7.86
CA GLY A 267 -3.83 21.43 -8.49
C GLY A 267 -3.72 19.99 -8.00
N THR A 268 -2.70 19.71 -7.20
CA THR A 268 -2.52 18.40 -6.57
C THR A 268 -3.01 18.48 -5.12
N VAL A 269 -3.70 17.45 -4.64
CA VAL A 269 -4.20 17.47 -3.25
C VAL A 269 -3.04 17.58 -2.25
N ASN A 270 -3.27 18.34 -1.18
CA ASN A 270 -2.29 18.43 -0.11
C ASN A 270 -2.87 17.68 1.08
N LEU A 271 -2.76 16.35 1.00
CA LEU A 271 -3.43 15.46 1.95
C LEU A 271 -2.48 14.34 2.30
N LEU A 272 -2.26 14.16 3.60
CA LEU A 272 -1.31 13.16 4.09
C LEU A 272 -2.05 12.13 4.95
N ALA A 273 -1.90 10.86 4.60
CA ALA A 273 -2.65 9.77 5.26
C ALA A 273 -2.44 9.82 6.77
N TYR A 274 -3.54 9.64 7.50
CA TYR A 274 -3.56 9.85 8.95
C TYR A 274 -4.64 8.98 9.57
N ASN A 275 -4.29 8.23 10.61
CA ASN A 275 -5.25 7.28 11.19
C ASN A 275 -6.22 7.87 12.20
N ASN A 276 -6.00 9.14 12.58
CA ASN A 276 -6.85 9.83 13.57
C ASN A 276 -7.11 8.99 14.82
N TYR A 277 -6.10 8.23 15.23
CA TYR A 277 -6.25 7.40 16.41
C TYR A 277 -6.04 8.25 17.65
N GLN A 278 -7.02 8.24 18.53
N GLN A 278 -6.99 8.20 18.56
CA GLN A 278 -6.89 8.94 19.80
CA GLN A 278 -6.85 8.91 19.83
C GLN A 278 -7.07 7.95 20.94
C GLN A 278 -6.44 7.98 20.98
N ALA A 279 -6.07 7.89 21.81
N ALA A 279 -7.38 7.21 21.49
CA ALA A 279 -6.16 7.14 23.06
CA ALA A 279 -7.16 6.49 22.74
C ALA A 279 -6.76 8.06 24.10
C ALA A 279 -7.66 7.32 23.92
CA CA B . -8.99 8.11 -7.18
TE1 TE6 C . 7.89 1.89 -7.20
O1 TE6 C . 9.45 0.71 -6.73
O2 TE6 C . 7.24 0.69 -8.52
O3 TE6 C . 6.33 2.97 -7.99
O4 TE6 C . 8.45 3.19 -6.04
O5 TE6 C . 8.87 2.53 -8.71
S SO4 D . 7.94 -22.72 -4.90
O1 SO4 D . 7.77 -22.60 -3.45
O2 SO4 D . 7.51 -24.04 -5.38
O3 SO4 D . 7.16 -21.69 -5.60
O4 SO4 D . 9.36 -22.55 -5.22
S SO4 E . -4.32 -0.52 -24.38
O1 SO4 E . -3.05 0.18 -24.22
O2 SO4 E . -4.95 -0.66 -23.07
O3 SO4 E . -5.18 0.16 -25.35
O4 SO4 E . -4.02 -1.88 -24.87
C1 EDO F . -8.74 14.19 11.28
O1 EDO F . -7.72 14.75 10.47
C2 EDO F . -10.02 15.01 11.10
O2 EDO F . -10.50 14.89 9.74
C1 EDO G . 12.36 16.96 -1.75
O1 EDO G . 13.61 16.84 -1.04
C2 EDO G . 12.17 18.42 -2.19
O2 EDO G . 13.25 18.79 -3.07
#